data_6XAX
#
_entry.id   6XAX
#
_cell.length_a   50.479
_cell.length_b   76.420
_cell.length_c   96.796
_cell.angle_alpha   90.000
_cell.angle_beta   104.090
_cell.angle_gamma   90.000
#
_symmetry.space_group_name_H-M   'P 1 21 1'
#
loop_
_entity.id
_entity.type
_entity.pdbx_description
1 polymer Fibronectin
2 non-polymer GLYCEROL
3 water water
#
_entity_poly.entity_id   1
_entity_poly.type   'polypeptide(L)'
_entity_poly.pdbx_seq_one_letter_code
;GSGRTEIDKPSQMQVTDVQDNSISVKWLPSSSPVTGYRVTTTPKNGPGPTKTKTAGPDQTEMTIEGLQPTVEYVVSVYAQ
NPSGESQPLVQTAVTNIDRPKGLAFTDVDVDSIKIAWESPQGQVSRYRVTYSSPEDGIHELFPAPDGEEDTAELQGLRPG
SEYTVSVVALHDDMESQPLIGTQSTAIPAPTDLKFTQVTPTSLSAQWTPPNVQLTGYRVRVTPKEKTGPMKEINLAPDSS
SVVVSGLMVATKYEVSVYALKDTLTSRPAQGVVTTLE
;
_entity_poly.pdbx_strand_id   B,A
#
loop_
_chem_comp.id
_chem_comp.type
_chem_comp.name
_chem_comp.formula
GOL non-polymer GLYCEROL 'C3 H8 O3'
#
# COMPACT_ATOMS: atom_id res chain seq x y z
N GLU A 6 32.53 2.87 -37.93
CA GLU A 6 31.46 3.75 -37.47
C GLU A 6 30.09 3.24 -37.90
N ILE A 7 29.10 3.45 -37.04
CA ILE A 7 27.69 3.27 -37.38
C ILE A 7 27.00 4.60 -37.08
N ASP A 8 26.35 5.18 -38.09
CA ASP A 8 25.67 6.46 -37.90
C ASP A 8 24.71 6.36 -36.73
N LYS A 9 24.81 7.32 -35.82
CA LYS A 9 23.99 7.29 -34.62
C LYS A 9 22.54 7.60 -34.96
N PRO A 10 21.60 7.11 -34.15
CA PRO A 10 20.24 7.68 -34.19
C PRO A 10 20.31 9.16 -33.83
N SER A 11 19.36 9.92 -34.36
CA SER A 11 19.37 11.37 -34.20
C SER A 11 18.01 11.85 -33.71
N GLN A 12 18.02 13.03 -33.08
CA GLN A 12 16.82 13.72 -32.64
C GLN A 12 15.88 12.81 -31.85
N MET A 13 16.22 12.54 -30.60
CA MET A 13 15.37 11.71 -29.75
C MET A 13 14.29 12.55 -29.10
N GLN A 14 13.07 12.02 -29.09
CA GLN A 14 11.91 12.70 -28.54
C GLN A 14 11.25 11.81 -27.49
N VAL A 15 10.80 12.43 -26.41
CA VAL A 15 10.07 11.74 -25.35
C VAL A 15 8.59 12.01 -25.57
N THR A 16 7.84 10.96 -25.94
CA THR A 16 6.44 11.13 -26.29
C THR A 16 5.50 11.01 -25.10
N ASP A 17 5.87 10.28 -24.06
CA ASP A 17 4.96 10.11 -22.93
C ASP A 17 5.76 9.82 -21.67
N VAL A 18 5.30 10.41 -20.56
CA VAL A 18 5.85 10.21 -19.23
C VAL A 18 4.74 9.74 -18.30
N GLN A 19 5.07 8.82 -17.39
CA GLN A 19 4.17 8.54 -16.28
C GLN A 19 5.00 7.92 -15.17
N ASP A 20 4.33 7.42 -14.13
CA ASP A 20 5.00 7.11 -12.87
C ASP A 20 5.85 5.84 -12.91
N ASN A 21 5.74 5.03 -13.97
CA ASN A 21 6.59 3.86 -14.07
C ASN A 21 7.02 3.55 -15.49
N SER A 22 6.77 4.43 -16.46
CA SER A 22 7.17 4.14 -17.83
C SER A 22 7.54 5.44 -18.54
N ILE A 23 8.47 5.33 -19.48
CA ILE A 23 8.89 6.42 -20.34
C ILE A 23 8.75 5.96 -21.79
N SER A 24 8.23 6.84 -22.65
CA SER A 24 8.04 6.55 -24.06
C SER A 24 8.90 7.51 -24.87
N VAL A 25 9.80 6.96 -25.67
CA VAL A 25 10.72 7.76 -26.48
C VAL A 25 10.63 7.32 -27.93
N LYS A 26 11.02 8.23 -28.82
CA LYS A 26 11.09 7.96 -30.25
C LYS A 26 12.35 8.61 -30.80
N TRP A 27 12.90 8.00 -31.86
CA TRP A 27 14.16 8.44 -32.43
C TRP A 27 14.10 8.34 -33.95
N LEU A 28 15.06 8.98 -34.61
CA LEU A 28 15.17 8.94 -36.06
C LEU A 28 16.05 7.76 -36.47
N PRO A 29 15.66 7.01 -37.50
CA PRO A 29 16.46 5.86 -37.93
C PRO A 29 17.85 6.28 -38.39
N SER A 30 18.82 5.39 -38.16
CA SER A 30 20.21 5.64 -38.51
C SER A 30 20.43 5.45 -40.01
N SER A 31 21.52 6.02 -40.51
CA SER A 31 21.86 5.88 -41.91
C SER A 31 22.41 4.50 -42.23
N SER A 32 23.20 3.92 -41.32
CA SER A 32 23.79 2.62 -41.56
C SER A 32 22.74 1.51 -41.45
N PRO A 33 22.87 0.45 -42.24
CA PRO A 33 21.95 -0.69 -42.11
C PRO A 33 22.19 -1.41 -40.79
N VAL A 34 21.13 -1.51 -39.99
CA VAL A 34 21.24 -2.08 -38.65
C VAL A 34 20.29 -3.27 -38.53
N THR A 35 20.60 -4.14 -37.58
CA THR A 35 19.72 -5.27 -37.25
C THR A 35 18.68 -4.90 -36.21
N GLY A 36 18.93 -3.87 -35.42
CA GLY A 36 17.98 -3.47 -34.39
C GLY A 36 18.53 -2.31 -33.60
N TYR A 37 17.82 -1.97 -32.53
CA TYR A 37 18.21 -0.91 -31.63
C TYR A 37 18.17 -1.41 -30.19
N ARG A 38 19.19 -1.06 -29.43
CA ARG A 38 19.27 -1.41 -28.02
C ARG A 38 19.04 -0.15 -27.19
N VAL A 39 17.97 -0.13 -26.41
CA VAL A 39 17.64 0.99 -25.54
C VAL A 39 17.89 0.57 -24.10
N THR A 40 18.40 1.51 -23.31
CA THR A 40 18.76 1.25 -21.92
C THR A 40 18.30 2.43 -21.08
N THR A 41 17.93 2.12 -19.83
CA THR A 41 17.51 3.13 -18.89
C THR A 41 18.27 2.94 -17.59
N THR A 42 18.91 4.01 -17.12
CA THR A 42 19.70 3.99 -15.91
C THR A 42 19.38 5.24 -15.11
N PRO A 43 19.28 5.13 -13.79
CA PRO A 43 19.17 6.35 -12.97
C PRO A 43 20.40 7.22 -13.14
N LYS A 44 20.18 8.53 -13.17
CA LYS A 44 21.30 9.45 -13.37
C LYS A 44 22.30 9.39 -12.22
N ASN A 45 21.88 8.97 -11.04
CA ASN A 45 22.81 8.79 -9.93
C ASN A 45 23.52 7.45 -10.05
N GLY A 46 24.30 7.11 -9.03
CA GLY A 46 25.09 5.90 -9.04
C GLY A 46 24.26 4.63 -9.05
N PRO A 47 23.58 4.33 -7.94
CA PRO A 47 22.88 3.03 -7.82
C PRO A 47 21.58 2.96 -8.61
N GLY A 48 20.86 1.85 -8.46
CA GLY A 48 19.60 1.65 -9.13
C GLY A 48 19.59 0.44 -10.05
N PRO A 49 18.43 0.13 -10.62
CA PRO A 49 18.34 -0.98 -11.57
C PRO A 49 18.27 -0.52 -13.02
N THR A 50 19.02 -1.19 -13.90
CA THR A 50 19.08 -0.84 -15.30
C THR A 50 18.18 -1.76 -16.11
N LYS A 51 17.29 -1.17 -16.91
CA LYS A 51 16.41 -1.90 -17.80
C LYS A 51 16.93 -1.80 -19.23
N THR A 52 16.91 -2.93 -19.94
CA THR A 52 17.43 -3.01 -21.30
C THR A 52 16.42 -3.71 -22.20
N LYS A 53 16.05 -3.06 -23.29
CA LYS A 53 15.12 -3.61 -24.26
C LYS A 53 15.71 -3.46 -25.67
N THR A 54 15.23 -4.30 -26.57
CA THR A 54 15.75 -4.36 -27.94
C THR A 54 14.62 -4.10 -28.93
N ALA A 55 14.83 -3.13 -29.81
CA ALA A 55 13.88 -2.78 -30.86
C ALA A 55 14.28 -3.43 -32.18
N GLY A 56 13.30 -3.59 -33.05
CA GLY A 56 13.52 -4.15 -34.35
C GLY A 56 14.29 -3.22 -35.26
N PRO A 57 14.70 -3.71 -36.43
CA PRO A 57 15.48 -2.85 -37.35
C PRO A 57 14.67 -1.69 -37.92
N ASP A 58 13.35 -1.80 -37.98
CA ASP A 58 12.50 -0.74 -38.49
C ASP A 58 11.71 -0.04 -37.38
N GLN A 59 12.03 -0.33 -36.12
CA GLN A 59 11.31 0.26 -34.99
C GLN A 59 12.03 1.53 -34.54
N THR A 60 11.28 2.63 -34.48
CA THR A 60 11.83 3.92 -34.09
C THR A 60 11.24 4.45 -32.79
N GLU A 61 10.37 3.69 -32.13
CA GLU A 61 9.77 4.08 -30.86
C GLU A 61 9.97 2.97 -29.85
N MET A 62 9.86 3.33 -28.57
CA MET A 62 10.05 2.34 -27.51
C MET A 62 9.47 2.89 -26.21
N THR A 63 8.74 2.04 -25.50
CA THR A 63 8.25 2.34 -24.15
C THR A 63 8.95 1.43 -23.17
N ILE A 64 9.53 2.02 -22.12
CA ILE A 64 10.28 1.29 -21.11
C ILE A 64 9.45 1.26 -19.83
N GLU A 65 8.94 0.08 -19.47
CA GLU A 65 8.11 -0.09 -18.30
C GLU A 65 8.92 -0.61 -17.12
N GLY A 66 8.30 -0.62 -15.95
CA GLY A 66 8.92 -1.16 -14.76
C GLY A 66 9.87 -0.23 -14.05
N LEU A 67 9.67 1.08 -14.19
CA LEU A 67 10.55 2.06 -13.57
C LEU A 67 9.98 2.53 -12.23
N GLN A 68 10.79 3.31 -11.52
CA GLN A 68 10.44 3.86 -10.22
C GLN A 68 10.03 5.32 -10.34
N PRO A 69 9.06 5.76 -9.54
CA PRO A 69 8.58 7.14 -9.65
C PRO A 69 9.56 8.14 -9.04
N THR A 70 9.59 9.32 -9.65
CA THR A 70 10.50 10.42 -9.27
C THR A 70 11.96 9.96 -9.27
N VAL A 71 12.36 9.38 -10.39
CA VAL A 71 13.75 8.98 -10.61
C VAL A 71 14.21 9.62 -11.91
N GLU A 72 15.37 10.27 -11.88
CA GLU A 72 15.95 10.88 -13.07
C GLU A 72 16.64 9.79 -13.88
N TYR A 73 15.99 9.38 -14.97
CA TYR A 73 16.51 8.33 -15.83
C TYR A 73 17.20 8.94 -17.04
N VAL A 74 18.26 8.31 -17.49
CA VAL A 74 18.92 8.64 -18.75
C VAL A 74 18.69 7.49 -19.72
N VAL A 75 18.13 7.80 -20.89
CA VAL A 75 17.79 6.80 -21.89
C VAL A 75 18.84 6.86 -23.00
N SER A 76 19.49 5.73 -23.25
CA SER A 76 20.49 5.62 -24.30
C SER A 76 19.99 4.70 -25.39
N VAL A 77 20.13 5.12 -26.64
CA VAL A 77 19.77 4.30 -27.79
C VAL A 77 21.04 3.94 -28.55
N TYR A 78 21.10 2.69 -29.04
CA TYR A 78 22.26 2.20 -29.76
C TYR A 78 21.80 1.56 -31.06
N ALA A 79 22.46 1.91 -32.15
CA ALA A 79 22.27 1.18 -33.41
C ALA A 79 23.17 -0.05 -33.40
N GLN A 80 22.60 -1.21 -33.70
CA GLN A 80 23.28 -2.49 -33.53
C GLN A 80 23.45 -3.22 -34.86
N ASN A 81 24.54 -3.98 -34.93
CA ASN A 81 24.88 -4.87 -36.05
C ASN A 81 25.38 -6.18 -35.44
N PRO A 82 25.61 -7.23 -36.24
CA PRO A 82 26.26 -8.42 -35.69
C PRO A 82 27.71 -8.19 -35.29
N SER A 83 28.33 -7.13 -35.79
CA SER A 83 29.74 -6.86 -35.54
C SER A 83 29.97 -6.02 -34.28
N GLY A 84 29.12 -5.02 -34.03
CA GLY A 84 29.32 -4.16 -32.89
C GLY A 84 28.17 -3.23 -32.56
N GLU A 85 28.49 -2.03 -32.11
CA GLU A 85 27.48 -1.07 -31.67
C GLU A 85 27.92 0.34 -32.02
N SER A 86 26.94 1.22 -32.17
CA SER A 86 27.21 2.63 -32.37
C SER A 86 27.34 3.33 -31.02
N GLN A 87 27.64 4.62 -31.06
CA GLN A 87 27.66 5.39 -29.83
C GLN A 87 26.23 5.73 -29.39
N PRO A 88 26.00 5.90 -28.10
CA PRO A 88 24.62 6.14 -27.63
C PRO A 88 24.16 7.57 -27.84
N LEU A 89 22.91 7.71 -28.28
CA LEU A 89 22.19 8.97 -28.19
C LEU A 89 21.59 9.05 -26.78
N VAL A 90 21.92 10.11 -26.05
CA VAL A 90 21.49 10.26 -24.67
C VAL A 90 20.33 11.24 -24.59
N GLN A 91 19.45 11.01 -23.63
CA GLN A 91 18.34 11.92 -23.36
C GLN A 91 17.81 11.58 -21.97
N THR A 92 17.74 12.60 -21.10
CA THR A 92 17.35 12.40 -19.71
C THR A 92 15.87 12.68 -19.53
N ALA A 93 15.27 11.99 -18.56
CA ALA A 93 13.85 12.15 -18.27
C ALA A 93 13.59 11.72 -16.83
N VAL A 94 12.63 12.39 -16.20
CA VAL A 94 12.27 12.12 -14.81
C VAL A 94 10.87 11.51 -14.78
N THR A 95 10.74 10.40 -14.08
CA THR A 95 9.43 9.76 -13.94
C THR A 95 8.52 10.61 -13.06
N ASN A 96 7.22 10.47 -13.30
CA ASN A 96 6.23 11.24 -12.55
C ASN A 96 6.00 10.64 -11.18
N ILE A 97 5.42 11.43 -10.29
CA ILE A 97 5.12 10.99 -8.94
C ILE A 97 3.84 10.17 -8.95
N ASP A 98 3.80 9.10 -8.15
CA ASP A 98 2.68 8.17 -8.18
C ASP A 98 1.51 8.69 -7.34
N ARG A 99 0.33 8.18 -7.65
CA ARG A 99 -0.90 8.66 -7.04
C ARG A 99 -1.02 8.14 -5.61
N PRO A 100 -1.37 9.00 -4.65
CA PRO A 100 -1.73 8.49 -3.32
C PRO A 100 -3.06 7.75 -3.38
N LYS A 101 -3.20 6.76 -2.50
CA LYS A 101 -4.41 5.94 -2.48
C LYS A 101 -4.85 5.72 -1.04
N GLY A 102 -6.06 5.21 -0.88
CA GLY A 102 -6.59 4.84 0.43
C GLY A 102 -6.95 6.03 1.31
N LEU A 103 -7.91 6.84 0.87
CA LEU A 103 -8.35 7.99 1.66
C LEU A 103 -9.33 7.51 2.73
N ALA A 104 -9.02 7.81 3.99
CA ALA A 104 -9.84 7.43 5.13
C ALA A 104 -10.36 8.67 5.83
N PHE A 105 -11.61 8.62 6.28
CA PHE A 105 -12.26 9.72 6.98
C PHE A 105 -12.49 9.31 8.43
N THR A 106 -11.87 10.03 9.36
CA THR A 106 -12.00 9.75 10.79
C THR A 106 -12.41 11.01 11.54
N ASP A 107 -13.08 10.80 12.68
CA ASP A 107 -13.46 11.88 13.59
C ASP A 107 -14.30 12.93 12.90
N VAL A 108 -15.23 12.50 12.06
CA VAL A 108 -16.10 13.42 11.32
C VAL A 108 -17.02 14.11 12.33
N ASP A 109 -16.84 15.41 12.50
CA ASP A 109 -17.58 16.21 13.47
C ASP A 109 -18.56 17.12 12.73
N VAL A 110 -19.22 18.00 13.49
CA VAL A 110 -20.09 19.00 12.90
C VAL A 110 -19.28 20.09 12.21
N ASP A 111 -18.04 20.31 12.67
CA ASP A 111 -17.21 21.40 12.18
C ASP A 111 -15.88 20.94 11.58
N SER A 112 -15.49 19.69 11.76
CA SER A 112 -14.15 19.24 11.38
C SER A 112 -14.21 17.85 10.77
N ILE A 113 -13.32 17.59 9.83
CA ILE A 113 -13.14 16.29 9.21
C ILE A 113 -11.64 15.99 9.19
N LYS A 114 -11.26 14.87 9.78
CA LYS A 114 -9.87 14.43 9.78
C LYS A 114 -9.69 13.36 8.70
N ILE A 115 -8.69 13.56 7.83
CA ILE A 115 -8.46 12.65 6.71
C ILE A 115 -7.09 12.01 6.88
N ALA A 116 -6.98 10.78 6.36
CA ALA A 116 -5.73 10.04 6.38
C ALA A 116 -5.57 9.32 5.04
N TRP A 117 -4.32 9.12 4.65
CA TRP A 117 -4.01 8.51 3.36
C TRP A 117 -2.70 7.74 3.46
N GLU A 118 -2.38 7.04 2.38
CA GLU A 118 -1.15 6.26 2.28
C GLU A 118 -0.14 7.05 1.45
N SER A 119 1.07 7.18 1.98
CA SER A 119 2.11 7.92 1.27
C SER A 119 2.57 7.14 0.04
N PRO A 120 2.65 7.77 -1.13
CA PRO A 120 3.12 7.07 -2.32
C PRO A 120 4.60 6.72 -2.20
N GLN A 121 5.04 5.81 -3.08
CA GLN A 121 6.42 5.34 -3.04
C GLN A 121 7.40 6.40 -3.53
N GLY A 122 6.97 7.27 -4.43
CA GLY A 122 7.86 8.32 -4.90
C GLY A 122 8.05 9.40 -3.85
N GLN A 123 9.23 10.02 -3.88
CA GLN A 123 9.54 11.07 -2.91
C GLN A 123 8.71 12.32 -3.21
N VAL A 124 7.91 12.74 -2.24
CA VAL A 124 7.01 13.87 -2.38
C VAL A 124 7.53 15.02 -1.53
N SER A 125 7.56 16.22 -2.10
CA SER A 125 7.99 17.40 -1.35
C SER A 125 6.87 17.89 -0.44
N ARG A 126 5.78 18.38 -1.02
CA ARG A 126 4.61 18.82 -0.28
C ARG A 126 3.36 18.21 -0.90
N TYR A 127 2.27 18.27 -0.15
CA TYR A 127 0.95 17.88 -0.64
C TYR A 127 0.10 19.13 -0.88
N ARG A 128 -0.96 18.95 -1.67
CA ARG A 128 -1.98 19.98 -1.84
C ARG A 128 -3.33 19.35 -1.55
N VAL A 129 -3.83 19.58 -0.33
CA VAL A 129 -5.16 19.11 0.05
C VAL A 129 -6.14 20.25 -0.22
N THR A 130 -7.10 20.00 -1.11
CA THR A 130 -8.22 20.90 -1.31
C THR A 130 -9.51 20.17 -0.95
N TYR A 131 -10.45 20.92 -0.37
CA TYR A 131 -11.75 20.36 0.00
C TYR A 131 -12.84 21.35 -0.39
N SER A 132 -14.01 20.82 -0.72
CA SER A 132 -15.09 21.66 -1.21
C SER A 132 -16.43 21.03 -0.93
N SER A 133 -17.47 21.88 -0.99
CA SER A 133 -18.85 21.43 -0.93
C SER A 133 -19.74 22.50 -1.56
N PRO A 134 -20.93 22.14 -2.05
CA PRO A 134 -21.84 23.16 -2.60
C PRO A 134 -22.13 24.32 -1.64
N GLU A 135 -22.03 24.11 -0.33
CA GLU A 135 -22.45 25.13 0.63
C GLU A 135 -21.37 26.12 1.02
N ASP A 136 -20.09 25.82 0.83
CA ASP A 136 -19.08 26.79 1.23
C ASP A 136 -17.88 26.86 0.29
N GLY A 137 -18.01 26.39 -0.95
CA GLY A 137 -16.99 26.64 -1.94
C GLY A 137 -15.74 25.79 -1.81
N ILE A 138 -14.67 26.28 -2.46
CA ILE A 138 -13.39 25.58 -2.56
C ILE A 138 -12.40 26.21 -1.60
N HIS A 139 -11.63 25.37 -0.91
CA HIS A 139 -10.59 25.85 0.00
C HIS A 139 -9.34 24.99 -0.17
N GLU A 140 -8.18 25.63 -0.07
CA GLU A 140 -6.89 24.95 -0.09
C GLU A 140 -6.25 25.06 1.28
N LEU A 141 -5.79 23.92 1.80
CA LEU A 141 -5.30 23.86 3.17
C LEU A 141 -3.89 24.43 3.27
N PHE A 142 -3.65 25.18 4.35
CA PHE A 142 -2.34 25.75 4.66
C PHE A 142 -2.07 25.57 6.14
N PRO A 143 -0.82 25.25 6.53
CA PRO A 143 0.32 25.01 5.63
C PRO A 143 0.23 23.67 4.94
N ALA A 144 0.64 23.62 3.68
CA ALA A 144 0.61 22.39 2.93
C ALA A 144 1.36 21.30 3.69
N PRO A 145 0.75 20.14 3.92
CA PRO A 145 1.47 19.06 4.60
C PRO A 145 2.72 18.67 3.84
N ASP A 146 3.82 18.50 4.58
CA ASP A 146 5.08 18.10 3.96
C ASP A 146 5.00 16.65 3.51
N GLY A 147 6.06 16.19 2.85
CA GLY A 147 6.09 14.82 2.34
C GLY A 147 6.07 13.77 3.42
N GLU A 148 6.48 14.11 4.64
CA GLU A 148 6.52 13.14 5.74
C GLU A 148 5.29 13.29 6.63
N GLU A 149 4.12 13.09 6.03
CA GLU A 149 2.87 13.20 6.78
C GLU A 149 1.79 12.40 6.07
N ASP A 150 0.99 11.70 6.87
CA ASP A 150 -0.16 10.95 6.37
C ASP A 150 -1.49 11.55 6.79
N THR A 151 -1.49 12.56 7.64
CA THR A 151 -2.70 13.09 8.25
C THR A 151 -2.93 14.53 7.81
N ALA A 152 -4.17 14.99 8.01
CA ALA A 152 -4.60 16.35 7.71
C ALA A 152 -5.95 16.58 8.35
N GLU A 153 -6.13 17.76 8.94
CA GLU A 153 -7.34 18.11 9.66
C GLU A 153 -7.99 19.32 9.00
N LEU A 154 -9.20 19.12 8.45
CA LEU A 154 -9.97 20.20 7.87
C LEU A 154 -10.89 20.79 8.93
N GLN A 155 -10.78 22.09 9.17
CA GLN A 155 -11.51 22.78 10.23
C GLN A 155 -12.42 23.85 9.65
N GLY A 156 -13.38 24.28 10.47
CA GLY A 156 -14.28 25.37 10.11
C GLY A 156 -15.22 25.05 8.98
N LEU A 157 -15.82 23.86 8.97
CA LEU A 157 -16.69 23.43 7.89
C LEU A 157 -18.15 23.73 8.19
N ARG A 158 -18.93 23.86 7.13
CA ARG A 158 -20.37 24.11 7.28
C ARG A 158 -21.09 22.80 7.55
N PRO A 159 -21.92 22.73 8.59
CA PRO A 159 -22.59 21.47 8.94
C PRO A 159 -23.57 21.02 7.86
N GLY A 160 -23.86 19.72 7.89
CA GLY A 160 -24.82 19.14 6.95
C GLY A 160 -24.42 19.30 5.50
N SER A 161 -23.14 19.09 5.18
CA SER A 161 -22.62 19.34 3.84
C SER A 161 -21.81 18.14 3.36
N GLU A 162 -22.06 17.74 2.12
CA GLU A 162 -21.30 16.67 1.49
C GLU A 162 -20.00 17.25 0.94
N TYR A 163 -18.89 17.01 1.64
CA TYR A 163 -17.60 17.55 1.27
C TYR A 163 -16.83 16.58 0.37
N THR A 164 -16.18 17.14 -0.66
CA THR A 164 -15.29 16.40 -1.54
C THR A 164 -13.85 16.80 -1.21
N VAL A 165 -13.00 15.80 -0.98
CA VAL A 165 -11.61 16.02 -0.61
C VAL A 165 -10.72 15.39 -1.67
N SER A 166 -9.75 16.17 -2.16
CA SER A 166 -8.78 15.69 -3.13
C SER A 166 -7.38 15.92 -2.58
N VAL A 167 -6.55 14.88 -2.63
CA VAL A 167 -5.16 14.95 -2.17
C VAL A 167 -4.27 14.63 -3.35
N VAL A 168 -3.32 15.51 -3.64
CA VAL A 168 -2.39 15.34 -4.75
C VAL A 168 -0.97 15.57 -4.23
N ALA A 169 -0.05 14.70 -4.63
CA ALA A 169 1.33 14.79 -4.19
C ALA A 169 2.14 15.63 -5.16
N LEU A 170 2.99 16.49 -4.62
CA LEU A 170 3.81 17.40 -5.41
C LEU A 170 5.28 17.08 -5.18
N HIS A 171 6.07 17.07 -6.26
CA HIS A 171 7.52 16.99 -6.17
C HIS A 171 8.10 17.93 -7.20
N ASP A 172 8.67 19.05 -6.73
CA ASP A 172 9.25 20.08 -7.59
C ASP A 172 8.24 20.56 -8.62
N ASP A 173 8.50 20.30 -9.90
CA ASP A 173 7.61 20.77 -10.95
C ASP A 173 6.37 19.89 -11.14
N MET A 174 6.44 18.64 -10.71
CA MET A 174 5.44 17.65 -11.10
C MET A 174 4.28 17.59 -10.12
N GLU A 175 3.16 17.03 -10.60
CA GLU A 175 1.95 16.79 -9.82
C GLU A 175 1.48 15.37 -10.07
N SER A 176 1.01 14.71 -9.02
CA SER A 176 0.45 13.37 -9.17
C SER A 176 -0.98 13.45 -9.66
N GLN A 177 -1.60 12.30 -9.81
CA GLN A 177 -3.03 12.32 -10.05
C GLN A 177 -3.75 12.44 -8.71
N PRO A 178 -4.86 13.19 -8.66
CA PRO A 178 -5.52 13.42 -7.37
C PRO A 178 -6.23 12.16 -6.89
N LEU A 179 -6.22 11.97 -5.57
CA LEU A 179 -7.00 10.93 -4.92
C LEU A 179 -8.19 11.59 -4.26
N ILE A 180 -9.38 11.25 -4.72
CA ILE A 180 -10.61 11.95 -4.36
C ILE A 180 -11.47 11.06 -3.49
N GLY A 181 -12.09 11.65 -2.47
CA GLY A 181 -13.02 10.95 -1.61
C GLY A 181 -14.04 11.89 -0.99
N THR A 182 -15.32 11.50 -1.02
CA THR A 182 -16.39 12.36 -0.54
C THR A 182 -16.81 11.94 0.86
N GLN A 183 -17.19 12.92 1.68
CA GLN A 183 -17.56 12.68 3.07
C GLN A 183 -18.43 13.84 3.55
N SER A 184 -19.53 13.51 4.23
CA SER A 184 -20.47 14.51 4.70
C SER A 184 -20.20 14.87 6.15
N THR A 185 -20.36 16.15 6.48
CA THR A 185 -20.22 16.61 7.86
C THR A 185 -21.44 16.21 8.67
N ALA A 186 -21.35 16.42 9.98
CA ALA A 186 -22.43 16.08 10.89
C ALA A 186 -23.41 17.25 11.02
N ILE A 187 -24.64 16.91 11.39
CA ILE A 187 -25.70 17.89 11.64
C ILE A 187 -25.72 18.18 13.13
N PRO A 188 -25.74 19.44 13.54
CA PRO A 188 -25.77 19.75 14.98
C PRO A 188 -27.16 19.54 15.56
N ALA A 189 -27.18 19.34 16.87
CA ALA A 189 -28.44 19.14 17.57
C ALA A 189 -29.23 20.44 17.63
N PRO A 190 -30.56 20.36 17.68
CA PRO A 190 -31.36 21.56 17.96
C PRO A 190 -30.99 22.13 19.33
N THR A 191 -31.18 23.43 19.48
CA THR A 191 -30.76 24.14 20.67
C THR A 191 -31.96 24.74 21.39
N ASP A 192 -31.75 25.03 22.68
CA ASP A 192 -32.73 25.72 23.51
C ASP A 192 -34.06 24.97 23.55
N LEU A 193 -33.98 23.68 23.88
CA LEU A 193 -35.19 22.88 24.07
C LEU A 193 -35.90 23.34 25.32
N LYS A 194 -37.06 23.98 25.16
CA LYS A 194 -37.82 24.55 26.26
C LYS A 194 -39.22 23.97 26.26
N PHE A 195 -39.67 23.53 27.43
CA PHE A 195 -41.04 23.03 27.59
C PHE A 195 -41.99 24.20 27.81
N THR A 196 -43.09 24.21 27.05
CA THR A 196 -44.03 25.33 27.02
C THR A 196 -45.26 25.08 27.88
N GLN A 197 -45.80 23.87 27.88
CA GLN A 197 -47.00 23.56 28.65
C GLN A 197 -47.08 22.07 28.86
N VAL A 198 -47.39 21.64 30.08
CA VAL A 198 -47.58 20.23 30.40
C VAL A 198 -48.93 20.06 31.08
N THR A 199 -49.55 18.92 30.80
CA THR A 199 -50.81 18.49 31.40
C THR A 199 -50.58 17.09 31.98
N PRO A 200 -51.56 16.55 32.71
CA PRO A 200 -51.42 15.16 33.16
C PRO A 200 -51.32 14.13 32.04
N THR A 201 -51.64 14.52 30.79
CA THR A 201 -51.61 13.57 29.68
C THR A 201 -50.87 14.09 28.46
N SER A 202 -50.31 15.29 28.50
CA SER A 202 -49.68 15.87 27.32
C SER A 202 -48.61 16.87 27.74
N LEU A 203 -47.67 17.11 26.83
CA LEU A 203 -46.64 18.12 27.02
C LEU A 203 -46.42 18.86 25.70
N SER A 204 -45.81 20.04 25.81
CA SER A 204 -45.48 20.87 24.65
C SER A 204 -44.06 21.39 24.81
N ALA A 205 -43.25 21.21 23.76
CA ALA A 205 -41.88 21.68 23.77
C ALA A 205 -41.58 22.43 22.48
N GLN A 206 -40.61 23.35 22.55
CA GLN A 206 -40.18 24.11 21.38
C GLN A 206 -38.65 24.17 21.37
N TRP A 207 -38.11 24.52 20.22
CA TRP A 207 -36.66 24.52 20.05
C TRP A 207 -36.27 25.47 18.92
N THR A 208 -35.02 25.92 18.96
CA THR A 208 -34.46 26.70 17.86
C THR A 208 -33.89 25.76 16.81
N PRO A 209 -34.40 25.79 15.57
CA PRO A 209 -33.93 24.83 14.58
C PRO A 209 -32.47 25.08 14.21
N PRO A 210 -31.74 24.04 13.80
CA PRO A 210 -30.33 24.22 13.43
C PRO A 210 -30.20 24.91 12.07
N ASN A 211 -28.97 25.32 11.78
CA ASN A 211 -28.61 26.04 10.56
C ASN A 211 -28.31 25.09 9.41
N VAL A 212 -29.22 24.16 9.13
CA VAL A 212 -29.08 23.22 8.03
C VAL A 212 -30.44 23.05 7.38
N GLN A 213 -30.45 22.86 6.06
CA GLN A 213 -31.67 22.50 5.35
C GLN A 213 -31.95 21.02 5.60
N LEU A 214 -32.99 20.73 6.37
CA LEU A 214 -33.27 19.38 6.81
C LEU A 214 -34.43 18.78 6.01
N THR A 215 -34.62 17.47 6.18
CA THR A 215 -35.75 16.76 5.61
C THR A 215 -36.87 16.51 6.62
N GLY A 216 -36.60 16.70 7.90
CA GLY A 216 -37.63 16.50 8.91
C GLY A 216 -37.00 16.35 10.29
N TYR A 217 -37.85 16.04 11.25
CA TYR A 217 -37.43 15.80 12.62
C TYR A 217 -37.95 14.46 13.10
N ARG A 218 -37.37 14.00 14.19
CA ARG A 218 -37.83 12.78 14.88
C ARG A 218 -37.79 13.05 16.38
N VAL A 219 -38.96 13.09 17.01
CA VAL A 219 -39.06 13.31 18.45
C VAL A 219 -39.54 12.02 19.07
N ARG A 220 -38.85 11.56 20.11
CA ARG A 220 -39.23 10.35 20.83
C ARG A 220 -39.40 10.68 22.31
N VAL A 221 -40.51 10.25 22.88
CA VAL A 221 -40.87 10.51 24.26
C VAL A 221 -40.95 9.17 24.98
N THR A 222 -40.11 8.98 25.99
CA THR A 222 -40.01 7.72 26.70
C THR A 222 -40.06 7.96 28.20
N PRO A 223 -40.75 7.11 28.96
CA PRO A 223 -40.81 7.29 30.41
C PRO A 223 -39.48 6.97 31.08
N LYS A 224 -39.22 7.65 32.19
CA LYS A 224 -38.02 7.45 32.98
C LYS A 224 -38.39 6.79 34.31
N GLU A 225 -37.58 5.82 34.73
CA GLU A 225 -37.72 5.09 35.98
C GLU A 225 -39.01 4.27 36.05
N LYS A 226 -39.72 4.13 34.93
CA LYS A 226 -40.96 3.38 34.93
C LYS A 226 -41.18 2.79 33.54
N THR A 227 -41.94 1.68 33.51
CA THR A 227 -42.22 0.95 32.28
C THR A 227 -43.60 1.32 31.75
N GLY A 228 -43.65 1.64 30.45
CA GLY A 228 -44.89 2.01 29.80
C GLY A 228 -44.70 2.32 28.34
N PRO A 229 -45.75 2.78 27.67
CA PRO A 229 -45.63 3.07 26.23
C PRO A 229 -44.78 4.29 25.95
N MET A 230 -44.12 4.27 24.79
CA MET A 230 -43.34 5.40 24.31
C MET A 230 -43.86 5.82 22.94
N LYS A 231 -43.67 7.09 22.62
CA LYS A 231 -44.21 7.67 21.40
C LYS A 231 -43.09 8.29 20.57
N GLU A 232 -43.27 8.25 19.26
CA GLU A 232 -42.33 8.87 18.33
C GLU A 232 -43.12 9.50 17.19
N ILE A 233 -42.90 10.79 16.95
CA ILE A 233 -43.60 11.55 15.93
C ILE A 233 -42.60 11.99 14.88
N ASN A 234 -43.05 12.05 13.63
CA ASN A 234 -42.25 12.53 12.51
C ASN A 234 -42.80 13.89 12.07
N LEU A 235 -41.94 14.91 12.09
CA LEU A 235 -42.35 16.27 11.84
C LEU A 235 -41.75 16.80 10.54
N ALA A 236 -42.31 17.91 10.07
CA ALA A 236 -41.82 18.58 8.88
C ALA A 236 -40.51 19.31 9.18
N PRO A 237 -39.68 19.55 8.17
CA PRO A 237 -38.39 20.22 8.43
C PRO A 237 -38.53 21.64 8.92
N ASP A 238 -39.62 22.32 8.59
CA ASP A 238 -39.84 23.70 9.01
C ASP A 238 -40.37 23.80 10.44
N SER A 239 -40.49 22.69 11.15
CA SER A 239 -41.07 22.69 12.49
C SER A 239 -40.07 23.22 13.51
N SER A 240 -40.61 23.81 14.58
CA SER A 240 -39.79 24.26 15.69
C SER A 240 -40.43 23.96 17.04
N SER A 241 -41.48 23.15 17.08
CA SER A 241 -42.18 22.82 18.31
C SER A 241 -42.98 21.55 18.09
N VAL A 242 -43.46 20.96 19.18
CA VAL A 242 -44.19 19.71 19.13
C VAL A 242 -45.15 19.62 20.31
N VAL A 243 -46.25 18.90 20.13
CA VAL A 243 -47.22 18.61 21.18
C VAL A 243 -47.47 17.10 21.17
N VAL A 244 -47.10 16.44 22.26
CA VAL A 244 -47.25 14.99 22.40
C VAL A 244 -48.45 14.73 23.30
N SER A 245 -49.40 13.96 22.81
CA SER A 245 -50.62 13.63 23.55
C SER A 245 -50.66 12.14 23.89
N GLY A 246 -51.59 11.79 24.77
CA GLY A 246 -51.78 10.40 25.15
C GLY A 246 -50.75 9.85 26.11
N LEU A 247 -50.22 10.68 27.01
CA LEU A 247 -49.19 10.26 27.93
C LEU A 247 -49.81 9.80 29.25
N MET A 248 -48.96 9.34 30.16
CA MET A 248 -49.42 8.84 31.45
C MET A 248 -49.40 9.95 32.49
N VAL A 249 -50.08 9.69 33.62
CA VAL A 249 -50.27 10.66 34.70
C VAL A 249 -49.12 10.58 35.69
N ALA A 250 -48.59 11.74 36.07
CA ALA A 250 -47.56 11.85 37.11
C ALA A 250 -46.34 11.01 36.73
N THR A 251 -45.76 11.36 35.59
CA THR A 251 -44.82 10.48 34.89
C THR A 251 -43.62 11.28 34.43
N LYS A 252 -42.44 10.89 34.87
CA LYS A 252 -41.20 11.51 34.43
C LYS A 252 -40.91 11.08 33.00
N TYR A 253 -41.00 12.01 32.06
CA TYR A 253 -40.77 11.73 30.65
C TYR A 253 -39.48 12.40 30.17
N GLU A 254 -38.83 11.76 29.21
CA GLU A 254 -37.65 12.30 28.55
C GLU A 254 -37.99 12.60 27.09
N VAL A 255 -37.71 13.81 26.65
CA VAL A 255 -38.02 14.25 25.29
C VAL A 255 -36.72 14.41 24.53
N SER A 256 -36.60 13.72 23.41
CA SER A 256 -35.44 13.79 22.53
C SER A 256 -35.88 14.30 21.18
N VAL A 257 -35.16 15.29 20.65
CA VAL A 257 -35.46 15.90 19.36
C VAL A 257 -34.28 15.64 18.43
N TYR A 258 -34.53 14.86 17.38
CA TYR A 258 -33.51 14.51 16.40
C TYR A 258 -33.72 15.32 15.13
N ALA A 259 -32.66 15.93 14.63
CA ALA A 259 -32.68 16.62 13.35
C ALA A 259 -32.25 15.65 12.26
N LEU A 260 -33.05 15.56 11.20
CA LEU A 260 -32.85 14.58 10.14
C LEU A 260 -32.62 15.28 8.81
N LYS A 261 -31.53 14.91 8.14
CA LYS A 261 -31.27 15.33 6.76
C LYS A 261 -30.91 14.09 5.96
N ASP A 262 -31.90 13.52 5.27
CA ASP A 262 -31.73 12.31 4.49
C ASP A 262 -31.22 11.15 5.34
N THR A 263 -29.96 10.76 5.14
CA THR A 263 -29.43 9.56 5.78
C THR A 263 -28.69 9.83 7.09
N LEU A 264 -28.54 11.10 7.48
CA LEU A 264 -27.77 11.44 8.67
C LEU A 264 -28.68 11.97 9.76
N THR A 265 -28.34 11.63 11.00
CA THR A 265 -29.14 11.98 12.17
C THR A 265 -28.28 12.77 13.14
N SER A 266 -28.77 13.94 13.54
CA SER A 266 -28.06 14.74 14.53
C SER A 266 -28.10 14.06 15.90
N ARG A 267 -27.28 14.58 16.81
CA ARG A 267 -27.40 14.17 18.21
C ARG A 267 -28.71 14.68 18.78
N PRO A 268 -29.28 14.00 19.77
CA PRO A 268 -30.61 14.38 20.27
C PRO A 268 -30.54 15.61 21.17
N ALA A 269 -31.45 16.56 20.92
CA ALA A 269 -31.69 17.65 21.87
C ALA A 269 -32.62 17.10 22.93
N GLN A 270 -32.09 16.84 24.12
CA GLN A 270 -32.80 16.10 25.15
C GLN A 270 -33.26 17.03 26.27
N GLY A 271 -34.32 16.59 26.96
CA GLY A 271 -34.89 17.32 28.08
C GLY A 271 -35.87 16.46 28.86
N VAL A 272 -35.91 16.63 30.17
CA VAL A 272 -36.73 15.82 31.06
C VAL A 272 -37.82 16.69 31.66
N VAL A 273 -39.05 16.16 31.68
CA VAL A 273 -40.18 16.85 32.28
C VAL A 273 -41.12 15.79 32.85
N THR A 274 -41.90 16.18 33.85
CA THR A 274 -42.83 15.29 34.54
C THR A 274 -44.26 15.75 34.28
N THR A 275 -45.12 14.81 33.90
CA THR A 275 -46.52 15.13 33.68
C THR A 275 -47.20 15.46 35.02
N LEU A 276 -48.38 16.05 34.92
CA LEU A 276 -49.10 16.48 36.12
C LEU A 276 -49.74 15.30 36.83
N GLU A 277 -49.80 15.39 38.15
CA GLU A 277 -50.35 14.34 39.00
C GLU A 277 -51.83 14.10 38.72
N ASP B 8 -26.95 -2.07 36.01
CA ASP B 8 -27.16 -1.85 34.58
C ASP B 8 -25.93 -2.23 33.78
N LYS B 9 -25.96 -3.43 33.19
CA LYS B 9 -24.85 -3.91 32.38
C LYS B 9 -25.24 -4.05 30.92
N PRO B 10 -24.41 -3.51 30.03
CA PRO B 10 -24.66 -3.58 28.59
C PRO B 10 -24.59 -5.01 28.12
N SER B 11 -25.52 -5.40 27.25
CA SER B 11 -25.82 -6.82 27.06
C SER B 11 -24.89 -7.50 26.06
N GLN B 12 -24.64 -6.87 24.91
CA GLN B 12 -24.02 -7.54 23.78
C GLN B 12 -22.61 -7.01 23.55
N MET B 13 -21.65 -7.92 23.43
CA MET B 13 -20.27 -7.55 23.16
C MET B 13 -19.65 -8.55 22.19
N GLN B 14 -19.18 -8.05 21.05
CA GLN B 14 -18.56 -8.87 20.03
C GLN B 14 -17.23 -8.26 19.62
N VAL B 15 -16.21 -9.10 19.44
CA VAL B 15 -14.89 -8.64 19.03
C VAL B 15 -14.93 -8.39 17.52
N THR B 16 -14.68 -7.14 17.13
CA THR B 16 -14.78 -6.75 15.72
C THR B 16 -13.47 -6.96 14.96
N ASP B 17 -12.34 -6.52 15.52
CA ASP B 17 -11.06 -6.61 14.85
C ASP B 17 -9.99 -7.02 15.85
N VAL B 18 -9.10 -7.92 15.42
CA VAL B 18 -7.98 -8.38 16.22
C VAL B 18 -6.73 -8.34 15.35
N GLN B 19 -5.72 -7.62 15.81
CA GLN B 19 -4.43 -7.55 15.14
C GLN B 19 -3.38 -8.25 16.00
N ASP B 20 -2.11 -8.05 15.65
CA ASP B 20 -1.02 -8.64 16.42
C ASP B 20 -0.79 -7.94 17.76
N ASN B 21 -1.23 -6.68 17.88
CA ASN B 21 -0.98 -5.92 19.10
C ASN B 21 -2.15 -5.05 19.50
N SER B 22 -3.31 -5.20 18.86
CA SER B 22 -4.47 -4.36 19.14
C SER B 22 -5.72 -5.22 19.14
N ILE B 23 -6.77 -4.71 19.79
CA ILE B 23 -8.04 -5.41 19.92
C ILE B 23 -9.16 -4.37 19.93
N SER B 24 -10.12 -4.53 19.02
CA SER B 24 -11.26 -3.64 18.88
C SER B 24 -12.52 -4.39 19.30
N VAL B 25 -13.24 -3.87 20.29
CA VAL B 25 -14.35 -4.57 20.92
C VAL B 25 -15.56 -3.66 21.00
N LYS B 26 -16.71 -4.17 20.56
CA LYS B 26 -17.94 -3.39 20.51
C LYS B 26 -18.95 -3.86 21.55
N TRP B 27 -19.88 -2.97 21.86
CA TRP B 27 -21.02 -3.26 22.73
C TRP B 27 -22.22 -2.46 22.24
N LEU B 28 -23.33 -2.56 22.98
CA LEU B 28 -24.54 -1.79 22.71
C LEU B 28 -24.98 -1.18 24.04
N PRO B 29 -25.07 0.16 24.13
CA PRO B 29 -25.49 0.81 25.38
C PRO B 29 -26.62 0.15 26.16
N SER B 30 -26.42 0.00 27.46
CA SER B 30 -27.51 -0.37 28.36
C SER B 30 -28.46 0.81 28.51
N SER B 31 -29.74 0.50 28.76
CA SER B 31 -30.78 1.51 28.65
C SER B 31 -30.61 2.60 29.71
N SER B 32 -30.11 2.24 30.90
CA SER B 32 -29.98 3.20 31.97
C SER B 32 -28.99 4.31 31.59
N PRO B 33 -29.21 5.54 32.04
CA PRO B 33 -28.30 6.64 31.68
C PRO B 33 -26.92 6.43 32.31
N VAL B 34 -25.90 6.52 31.48
CA VAL B 34 -24.52 6.43 31.93
C VAL B 34 -23.78 7.68 31.46
N THR B 35 -22.70 8.00 32.16
CA THR B 35 -21.85 9.12 31.80
C THR B 35 -20.60 8.69 31.03
N GLY B 36 -20.46 7.40 30.76
CA GLY B 36 -19.29 6.89 30.08
C GLY B 36 -19.08 5.43 30.44
N TYR B 37 -18.08 4.85 29.79
CA TYR B 37 -17.76 3.45 29.97
C TYR B 37 -16.28 3.29 30.27
N ARG B 38 -15.96 2.30 31.11
CA ARG B 38 -14.58 1.96 31.44
C ARG B 38 -14.35 0.50 31.08
N VAL B 39 -13.24 0.23 30.38
CA VAL B 39 -12.94 -1.12 29.91
C VAL B 39 -11.59 -1.55 30.47
N THR B 40 -11.50 -2.85 30.75
CA THR B 40 -10.27 -3.47 31.21
C THR B 40 -9.81 -4.48 30.18
N THR B 41 -8.49 -4.64 30.07
CA THR B 41 -7.90 -5.76 29.35
C THR B 41 -6.72 -6.27 30.17
N THR B 42 -6.74 -7.55 30.52
CA THR B 42 -5.67 -8.15 31.30
C THR B 42 -5.37 -9.53 30.74
N PRO B 43 -4.10 -9.93 30.69
CA PRO B 43 -3.76 -11.25 30.14
C PRO B 43 -4.28 -12.36 31.05
N LYS B 44 -4.84 -13.40 30.42
CA LYS B 44 -5.39 -14.51 31.19
C LYS B 44 -4.31 -15.28 31.92
N ASN B 45 -3.12 -15.41 31.34
CA ASN B 45 -2.07 -16.21 31.93
C ASN B 45 -0.75 -15.45 32.03
N GLY B 46 -0.28 -14.93 30.90
CA GLY B 46 0.98 -14.21 30.85
C GLY B 46 1.03 -13.04 31.82
N PRO B 47 2.13 -12.92 32.56
CA PRO B 47 2.23 -11.84 33.54
C PRO B 47 2.34 -10.46 32.89
N GLY B 48 1.21 -9.74 32.85
CA GLY B 48 1.18 -8.41 32.30
C GLY B 48 0.34 -7.48 33.13
N PRO B 49 0.40 -6.19 32.83
CA PRO B 49 -0.40 -5.21 33.59
C PRO B 49 -1.78 -5.00 32.98
N THR B 50 -2.75 -4.79 33.86
CA THR B 50 -4.10 -4.47 33.42
C THR B 50 -4.12 -3.05 32.85
N LYS B 51 -4.54 -2.90 31.61
CA LYS B 51 -4.61 -1.60 30.95
C LYS B 51 -6.06 -1.15 30.90
N THR B 52 -6.29 0.13 31.24
CA THR B 52 -7.62 0.69 31.34
C THR B 52 -7.78 1.85 30.36
N LYS B 53 -8.94 1.92 29.72
CA LYS B 53 -9.30 3.05 28.86
C LYS B 53 -10.71 3.50 29.19
N THR B 54 -11.02 4.75 28.85
CA THR B 54 -12.32 5.34 29.12
C THR B 54 -13.02 5.65 27.80
N ALA B 55 -14.34 5.79 27.88
CA ALA B 55 -15.18 6.03 26.71
C ALA B 55 -16.21 7.10 27.01
N GLY B 56 -16.51 7.92 26.00
CA GLY B 56 -17.53 8.93 26.13
C GLY B 56 -18.92 8.33 26.19
N PRO B 57 -19.92 9.16 26.46
CA PRO B 57 -21.30 8.66 26.50
C PRO B 57 -21.81 8.22 25.15
N ASP B 58 -21.27 8.75 24.06
CA ASP B 58 -21.68 8.34 22.71
C ASP B 58 -21.02 7.07 22.23
N GLN B 59 -19.80 6.80 22.67
CA GLN B 59 -18.97 5.78 22.05
C GLN B 59 -19.60 4.40 22.15
N THR B 60 -19.89 3.81 20.99
CA THR B 60 -20.42 2.47 20.94
C THR B 60 -19.35 1.39 20.97
N GLU B 61 -18.07 1.75 20.78
CA GLU B 61 -16.96 0.81 20.88
C GLU B 61 -15.65 1.56 20.71
N MET B 62 -14.56 0.91 21.13
CA MET B 62 -13.25 1.54 21.21
C MET B 62 -12.16 0.51 20.92
N THR B 63 -11.00 1.00 20.53
CA THR B 63 -9.84 0.17 20.22
C THR B 63 -8.83 0.24 21.34
N ILE B 64 -8.22 -0.90 21.65
CA ILE B 64 -7.18 -1.01 22.68
C ILE B 64 -5.89 -1.42 22.01
N GLU B 65 -4.88 -0.55 22.06
CA GLU B 65 -3.60 -0.77 21.40
C GLU B 65 -2.55 -1.26 22.41
N GLY B 66 -1.36 -1.55 21.89
CA GLY B 66 -0.23 -1.89 22.74
C GLY B 66 -0.33 -3.23 23.45
N LEU B 67 -0.87 -4.25 22.78
CA LEU B 67 -0.98 -5.57 23.37
C LEU B 67 0.13 -6.49 22.84
N GLN B 68 0.20 -7.69 23.43
CA GLN B 68 1.19 -8.68 23.05
C GLN B 68 0.58 -9.76 22.16
N PRO B 69 1.34 -10.29 21.22
CA PRO B 69 0.78 -11.25 20.26
C PRO B 69 0.57 -12.64 20.87
N THR B 70 -0.54 -13.27 20.47
CA THR B 70 -0.90 -14.62 20.88
C THR B 70 -1.02 -14.76 22.40
N VAL B 71 -1.53 -13.72 23.04
CA VAL B 71 -1.83 -13.75 24.47
C VAL B 71 -3.33 -13.61 24.62
N GLU B 72 -3.96 -14.57 25.29
CA GLU B 72 -5.40 -14.53 25.51
C GLU B 72 -5.71 -13.41 26.50
N TYR B 73 -6.36 -12.36 26.01
CA TYR B 73 -6.76 -11.24 26.86
C TYR B 73 -8.27 -11.33 27.13
N VAL B 74 -8.63 -11.26 28.40
CA VAL B 74 -10.03 -11.09 28.79
C VAL B 74 -10.26 -9.59 28.97
N VAL B 75 -11.25 -9.06 28.27
CA VAL B 75 -11.58 -7.64 28.37
C VAL B 75 -12.98 -7.51 28.94
N SER B 76 -13.13 -6.63 29.93
CA SER B 76 -14.39 -6.45 30.66
C SER B 76 -14.84 -5.00 30.57
N VAL B 77 -16.15 -4.79 30.59
CA VAL B 77 -16.72 -3.47 30.37
C VAL B 77 -17.63 -3.12 31.55
N TYR B 78 -17.71 -1.81 31.81
CA TYR B 78 -18.55 -1.27 32.86
C TYR B 78 -19.29 -0.05 32.31
N ALA B 79 -20.53 0.13 32.77
CA ALA B 79 -21.39 1.24 32.34
C ALA B 79 -21.47 2.24 33.48
N GLN B 80 -20.52 3.17 33.50
CA GLN B 80 -20.35 4.05 34.66
C GLN B 80 -21.32 5.22 34.65
N ASN B 81 -21.85 5.53 35.83
CA ASN B 81 -22.61 6.76 36.09
C ASN B 81 -22.15 7.28 37.46
N PRO B 82 -22.50 8.51 37.84
CA PRO B 82 -22.01 9.04 39.12
C PRO B 82 -22.49 8.26 40.33
N SER B 83 -23.55 7.46 40.22
CA SER B 83 -24.09 6.71 41.35
C SER B 83 -23.51 5.30 41.46
N GLY B 84 -22.54 4.95 40.62
CA GLY B 84 -21.92 3.65 40.66
C GLY B 84 -21.68 3.13 39.27
N GLU B 85 -21.51 1.81 39.15
CA GLU B 85 -21.28 1.19 37.86
C GLU B 85 -21.78 -0.25 37.91
N SER B 86 -21.91 -0.85 36.73
CA SER B 86 -22.49 -2.17 36.59
C SER B 86 -21.47 -3.26 36.94
N GLN B 87 -21.90 -4.50 36.82
CA GLN B 87 -20.99 -5.63 36.85
C GLN B 87 -20.30 -5.76 35.49
N PRO B 88 -19.13 -6.39 35.43
CA PRO B 88 -18.41 -6.47 34.16
C PRO B 88 -18.98 -7.54 33.24
N LEU B 89 -19.31 -7.14 32.01
CA LEU B 89 -19.42 -8.10 30.92
C LEU B 89 -18.03 -8.43 30.43
N VAL B 90 -17.71 -9.71 30.34
CA VAL B 90 -16.37 -10.13 29.94
C VAL B 90 -16.45 -10.91 28.65
N GLN B 91 -15.37 -10.79 27.85
CA GLN B 91 -15.18 -11.56 26.64
C GLN B 91 -13.75 -12.07 26.62
N THR B 92 -13.52 -13.10 25.80
CA THR B 92 -12.19 -13.64 25.59
C THR B 92 -11.80 -13.45 24.13
N ALA B 93 -10.64 -12.82 23.92
CA ALA B 93 -10.11 -12.59 22.58
C ALA B 93 -8.61 -12.81 22.60
N VAL B 94 -8.10 -13.54 21.61
CA VAL B 94 -6.69 -13.85 21.49
C VAL B 94 -6.09 -12.97 20.39
N THR B 95 -4.87 -12.52 20.61
CA THR B 95 -4.17 -11.71 19.63
C THR B 95 -3.52 -12.61 18.56
N ASN B 96 -3.34 -12.04 17.37
CA ASN B 96 -2.72 -12.77 16.28
C ASN B 96 -1.19 -12.74 16.41
N ILE B 97 -0.54 -13.70 15.75
CA ILE B 97 0.92 -13.70 15.69
C ILE B 97 1.38 -12.51 14.86
N ASP B 98 2.48 -11.88 15.28
CA ASP B 98 3.07 -10.80 14.52
C ASP B 98 3.68 -11.31 13.22
N ARG B 99 4.13 -10.38 12.40
CA ARG B 99 4.75 -10.73 11.13
C ARG B 99 6.16 -11.27 11.35
N PRO B 100 6.54 -12.34 10.65
CA PRO B 100 7.96 -12.74 10.64
C PRO B 100 8.79 -11.66 9.97
N LYS B 101 10.04 -11.53 10.41
CA LYS B 101 10.86 -10.37 10.09
C LYS B 101 12.15 -10.78 9.37
N GLY B 102 12.56 -9.94 8.42
CA GLY B 102 13.87 -10.06 7.81
C GLY B 102 14.07 -11.23 6.88
N LEU B 103 13.30 -11.29 5.79
CA LEU B 103 13.55 -12.29 4.77
C LEU B 103 14.92 -12.05 4.15
N ALA B 104 15.79 -13.05 4.23
CA ALA B 104 17.14 -12.97 3.69
C ALA B 104 17.36 -14.13 2.74
N PHE B 105 17.94 -13.84 1.58
CA PHE B 105 18.21 -14.84 0.56
C PHE B 105 19.69 -15.15 0.52
N THR B 106 20.03 -16.43 0.64
CA THR B 106 21.41 -16.90 0.52
C THR B 106 21.45 -18.13 -0.37
N ASP B 107 22.66 -18.47 -0.82
CA ASP B 107 22.91 -19.67 -1.62
C ASP B 107 22.07 -19.67 -2.91
N VAL B 108 21.96 -18.51 -3.54
CA VAL B 108 21.20 -18.40 -4.77
C VAL B 108 21.99 -19.06 -5.90
N ASP B 109 21.43 -20.12 -6.47
CA ASP B 109 22.02 -20.83 -7.60
C ASP B 109 21.13 -20.63 -8.83
N VAL B 110 21.40 -21.43 -9.87
CA VAL B 110 20.58 -21.36 -11.08
C VAL B 110 19.23 -22.03 -10.89
N ASP B 111 19.08 -22.88 -9.87
CA ASP B 111 17.84 -23.63 -9.69
C ASP B 111 17.43 -23.77 -8.23
N SER B 112 18.06 -23.04 -7.31
CA SER B 112 17.72 -23.18 -5.89
C SER B 112 17.98 -21.85 -5.19
N ILE B 113 17.22 -21.63 -4.11
CA ILE B 113 17.34 -20.44 -3.27
C ILE B 113 17.13 -20.86 -1.83
N LYS B 114 18.01 -20.44 -0.94
CA LYS B 114 17.84 -20.64 0.49
C LYS B 114 17.38 -19.34 1.13
N ILE B 115 16.36 -19.43 1.98
CA ILE B 115 15.78 -18.25 2.61
C ILE B 115 16.00 -18.34 4.12
N ALA B 116 15.90 -17.19 4.78
CA ALA B 116 16.06 -17.12 6.23
C ALA B 116 15.23 -15.96 6.76
N TRP B 117 14.87 -16.05 8.04
CA TRP B 117 14.09 -15.03 8.70
C TRP B 117 14.17 -15.25 10.21
N GLU B 118 13.84 -14.20 10.96
CA GLU B 118 13.78 -14.29 12.41
C GLU B 118 12.38 -14.70 12.83
N SER B 119 12.29 -15.65 13.74
CA SER B 119 10.99 -16.12 14.21
C SER B 119 10.22 -14.95 14.83
N PRO B 120 8.93 -14.82 14.55
CA PRO B 120 8.15 -13.75 15.16
C PRO B 120 8.02 -13.97 16.66
N GLN B 121 8.04 -12.87 17.42
CA GLN B 121 7.86 -12.94 18.86
C GLN B 121 6.47 -13.46 19.18
N GLY B 122 6.39 -14.68 19.67
CA GLY B 122 5.11 -15.31 19.94
C GLY B 122 5.20 -16.79 19.67
N GLN B 123 4.04 -17.44 19.71
CA GLN B 123 3.96 -18.88 19.52
C GLN B 123 3.75 -19.19 18.04
N VAL B 124 4.59 -20.08 17.52
CA VAL B 124 4.49 -20.54 16.14
C VAL B 124 4.44 -22.06 16.16
N SER B 125 3.38 -22.62 15.57
CA SER B 125 3.27 -24.07 15.44
C SER B 125 3.89 -24.57 14.14
N ARG B 126 3.55 -23.94 13.03
CA ARG B 126 4.08 -24.32 11.72
C ARG B 126 4.27 -23.05 10.89
N TYR B 127 4.78 -23.23 9.68
CA TYR B 127 4.84 -22.16 8.69
C TYR B 127 4.17 -22.64 7.41
N ARG B 128 3.89 -21.69 6.52
CA ARG B 128 3.43 -21.99 5.17
C ARG B 128 4.26 -21.13 4.21
N VAL B 129 5.27 -21.74 3.61
CA VAL B 129 6.13 -21.07 2.64
C VAL B 129 5.56 -21.29 1.25
N THR B 130 5.15 -20.21 0.60
CA THR B 130 4.68 -20.25 -0.77
C THR B 130 5.63 -19.42 -1.64
N TYR B 131 5.97 -19.95 -2.80
CA TYR B 131 6.89 -19.27 -3.72
C TYR B 131 6.33 -19.36 -5.14
N SER B 132 6.49 -18.29 -5.90
CA SER B 132 5.88 -18.20 -7.22
C SER B 132 6.74 -17.38 -8.16
N SER B 133 6.59 -17.67 -9.45
CA SER B 133 7.22 -16.90 -10.52
C SER B 133 6.32 -17.02 -11.74
N PRO B 134 6.32 -16.01 -12.62
CA PRO B 134 5.41 -16.06 -13.78
C PRO B 134 5.63 -17.25 -14.71
N GLU B 135 6.81 -17.86 -14.68
CA GLU B 135 7.10 -19.01 -15.52
C GLU B 135 6.67 -20.33 -14.90
N ASP B 136 6.56 -20.39 -13.57
CA ASP B 136 6.33 -21.65 -12.86
C ASP B 136 4.94 -21.78 -12.29
N GLY B 137 4.43 -20.74 -11.65
CA GLY B 137 3.19 -20.82 -10.88
C GLY B 137 3.48 -20.72 -9.39
N ILE B 138 2.42 -20.87 -8.62
CA ILE B 138 2.47 -20.68 -7.18
C ILE B 138 2.49 -22.05 -6.51
N HIS B 139 3.61 -22.39 -5.89
CA HIS B 139 3.77 -23.66 -5.19
C HIS B 139 3.85 -23.43 -3.69
N GLU B 140 3.51 -24.48 -2.94
CA GLU B 140 3.61 -24.47 -1.49
C GLU B 140 4.70 -25.45 -1.06
N LEU B 141 5.64 -24.96 -0.26
CA LEU B 141 6.79 -25.78 0.13
C LEU B 141 6.35 -26.91 1.05
N PHE B 142 6.92 -28.10 0.82
CA PHE B 142 6.75 -29.25 1.69
C PHE B 142 8.11 -29.89 1.93
N PRO B 143 8.41 -30.31 3.17
CA PRO B 143 7.56 -30.17 4.36
C PRO B 143 7.50 -28.75 4.87
N ALA B 144 6.39 -28.38 5.49
CA ALA B 144 6.26 -27.07 6.08
C ALA B 144 7.19 -26.97 7.28
N PRO B 145 8.00 -25.90 7.39
CA PRO B 145 8.90 -25.78 8.53
C PRO B 145 8.15 -25.64 9.85
N ASP B 146 8.81 -26.07 10.92
CA ASP B 146 8.28 -25.97 12.27
C ASP B 146 8.48 -24.55 12.81
N GLY B 147 7.78 -24.26 13.91
CA GLY B 147 7.84 -22.92 14.49
C GLY B 147 9.23 -22.54 14.98
N GLU B 148 10.05 -23.52 15.32
CA GLU B 148 11.40 -23.27 15.82
C GLU B 148 12.46 -23.34 14.72
N GLU B 149 12.07 -23.07 13.47
CA GLU B 149 12.99 -23.13 12.34
C GLU B 149 13.05 -21.76 11.66
N ASP B 150 14.25 -21.41 11.17
CA ASP B 150 14.47 -20.14 10.51
C ASP B 150 14.75 -20.26 9.02
N THR B 151 14.96 -21.47 8.51
CA THR B 151 15.46 -21.68 7.15
C THR B 151 14.44 -22.44 6.31
N ALA B 152 14.76 -22.53 5.02
CA ALA B 152 14.00 -23.28 4.03
C ALA B 152 14.81 -23.33 2.75
N GLU B 153 14.78 -24.49 2.08
CA GLU B 153 15.54 -24.69 0.84
C GLU B 153 14.55 -24.78 -0.32
N LEU B 154 14.47 -23.71 -1.09
CA LEU B 154 13.62 -23.68 -2.28
C LEU B 154 14.43 -24.22 -3.46
N GLN B 155 14.11 -25.42 -3.91
CA GLN B 155 14.85 -26.08 -4.97
C GLN B 155 13.93 -26.43 -6.15
N GLY B 156 14.55 -26.89 -7.23
CA GLY B 156 13.81 -27.20 -8.44
C GLY B 156 13.24 -25.97 -9.13
N LEU B 157 13.99 -24.88 -9.16
CA LEU B 157 13.48 -23.61 -9.68
C LEU B 157 13.71 -23.52 -11.18
N ARG B 158 13.02 -22.56 -11.79
CA ARG B 158 13.22 -22.26 -13.21
C ARG B 158 14.33 -21.24 -13.36
N PRO B 159 15.32 -21.48 -14.23
CA PRO B 159 16.46 -20.57 -14.33
C PRO B 159 16.06 -19.20 -14.86
N GLY B 160 16.78 -18.18 -14.40
CA GLY B 160 16.56 -16.81 -14.84
C GLY B 160 15.17 -16.30 -14.54
N SER B 161 14.74 -16.42 -13.29
CA SER B 161 13.36 -16.13 -12.92
C SER B 161 13.33 -15.39 -11.59
N GLU B 162 12.50 -14.34 -11.52
CA GLU B 162 12.27 -13.61 -10.29
C GLU B 162 11.16 -14.31 -9.53
N TYR B 163 11.48 -14.87 -8.37
CA TYR B 163 10.54 -15.66 -7.59
C TYR B 163 10.00 -14.84 -6.43
N THR B 164 8.68 -14.82 -6.30
CA THR B 164 8.02 -14.19 -5.16
C THR B 164 7.74 -15.26 -4.11
N VAL B 165 8.34 -15.10 -2.94
CA VAL B 165 8.23 -16.06 -1.85
C VAL B 165 7.64 -15.36 -0.64
N SER B 166 6.67 -16.00 0.02
CA SER B 166 6.02 -15.47 1.20
C SER B 166 6.06 -16.49 2.32
N VAL B 167 6.36 -16.02 3.53
CA VAL B 167 6.43 -16.85 4.72
C VAL B 167 5.30 -16.42 5.65
N VAL B 168 4.43 -17.37 6.02
CA VAL B 168 3.30 -17.10 6.89
C VAL B 168 3.44 -17.94 8.15
N ALA B 169 3.31 -17.29 9.30
CA ALA B 169 3.36 -17.99 10.58
C ALA B 169 2.00 -18.60 10.89
N LEU B 170 2.03 -19.69 11.66
CA LEU B 170 0.81 -20.44 11.98
C LEU B 170 0.84 -20.82 13.46
N HIS B 171 -0.26 -20.51 14.16
CA HIS B 171 -0.47 -21.00 15.51
C HIS B 171 -1.94 -21.36 15.65
N ASP B 172 -2.21 -22.58 16.10
CA ASP B 172 -3.57 -23.13 16.12
C ASP B 172 -4.20 -22.97 14.75
N ASP B 173 -5.26 -22.15 14.67
CA ASP B 173 -5.90 -21.83 13.40
C ASP B 173 -5.83 -20.33 13.12
N MET B 174 -4.78 -19.68 13.62
CA MET B 174 -4.51 -18.28 13.33
C MET B 174 -3.45 -18.18 12.23
N GLU B 175 -3.55 -17.12 11.44
CA GLU B 175 -2.61 -16.84 10.36
C GLU B 175 -2.07 -15.43 10.52
N SER B 176 -0.75 -15.30 10.53
CA SER B 176 -0.13 -13.99 10.58
C SER B 176 -0.08 -13.37 9.18
N GLN B 177 0.25 -12.09 9.13
CA GLN B 177 0.47 -11.44 7.86
C GLN B 177 1.72 -12.03 7.19
N PRO B 178 1.74 -12.10 5.87
CA PRO B 178 2.88 -12.75 5.19
C PRO B 178 4.08 -11.83 5.09
N LEU B 179 5.26 -12.40 5.33
CA LEU B 179 6.53 -11.73 5.09
C LEU B 179 6.95 -12.02 3.66
N ILE B 180 6.91 -11.01 2.81
CA ILE B 180 7.03 -11.18 1.36
C ILE B 180 8.33 -10.53 0.89
N GLY B 181 9.09 -11.27 0.08
CA GLY B 181 10.28 -10.73 -0.54
C GLY B 181 10.42 -11.28 -1.95
N THR B 182 11.32 -10.65 -2.71
CA THR B 182 11.58 -11.06 -4.09
C THR B 182 13.06 -11.35 -4.27
N GLN B 183 13.35 -12.32 -5.13
CA GLN B 183 14.73 -12.74 -5.38
C GLN B 183 14.78 -13.50 -6.70
N SER B 184 15.68 -13.08 -7.58
CA SER B 184 15.87 -13.74 -8.86
C SER B 184 16.89 -14.87 -8.71
N THR B 185 16.67 -15.94 -9.45
CA THR B 185 17.64 -17.01 -9.52
C THR B 185 18.65 -16.74 -10.63
N ALA B 186 19.84 -17.35 -10.51
CA ALA B 186 20.91 -17.09 -11.45
C ALA B 186 20.55 -17.59 -12.84
N ILE B 187 21.18 -16.98 -13.84
CA ILE B 187 21.00 -17.40 -15.24
C ILE B 187 22.16 -18.30 -15.61
N PRO B 188 21.93 -19.37 -16.37
CA PRO B 188 23.03 -20.27 -16.72
C PRO B 188 23.95 -19.66 -17.75
N ALA B 189 25.22 -20.01 -17.66
CA ALA B 189 26.19 -19.57 -18.65
C ALA B 189 25.89 -20.23 -19.99
N PRO B 190 26.28 -19.60 -21.10
CA PRO B 190 26.27 -20.30 -22.38
C PRO B 190 27.20 -21.51 -22.31
N THR B 191 26.84 -22.56 -23.03
CA THR B 191 27.63 -23.78 -23.05
C THR B 191 28.09 -24.08 -24.47
N ASP B 192 29.08 -24.97 -24.56
CA ASP B 192 29.65 -25.39 -25.84
C ASP B 192 30.16 -24.19 -26.65
N LEU B 193 30.88 -23.30 -25.97
CA LEU B 193 31.49 -22.17 -26.65
C LEU B 193 32.62 -22.68 -27.55
N LYS B 194 32.58 -22.30 -28.83
CA LYS B 194 33.54 -22.86 -29.76
C LYS B 194 33.90 -21.83 -30.83
N PHE B 195 35.15 -21.89 -31.26
CA PHE B 195 35.68 -20.98 -32.28
C PHE B 195 35.52 -21.60 -33.66
N THR B 196 35.00 -20.81 -34.60
CA THR B 196 34.72 -21.26 -35.95
C THR B 196 35.84 -20.94 -36.93
N GLN B 197 36.48 -19.77 -36.78
CA GLN B 197 37.52 -19.36 -37.68
C GLN B 197 38.51 -18.48 -36.93
N VAL B 198 39.80 -18.67 -37.23
CA VAL B 198 40.87 -17.90 -36.60
C VAL B 198 41.71 -17.27 -37.71
N THR B 199 42.05 -16.00 -37.53
CA THR B 199 42.75 -15.18 -38.51
C THR B 199 43.74 -14.30 -37.77
N PRO B 200 44.89 -13.97 -38.39
CA PRO B 200 45.88 -13.12 -37.71
C PRO B 200 45.30 -11.81 -37.18
N THR B 201 44.17 -11.39 -37.71
CA THR B 201 43.50 -10.16 -37.31
C THR B 201 42.23 -10.39 -36.48
N SER B 202 41.47 -11.44 -36.77
CA SER B 202 40.15 -11.63 -36.18
C SER B 202 40.00 -13.06 -35.66
N LEU B 203 38.93 -13.25 -34.87
CA LEU B 203 38.49 -14.58 -34.46
C LEU B 203 36.97 -14.63 -34.52
N SER B 204 36.45 -15.85 -34.65
CA SER B 204 35.02 -16.09 -34.70
C SER B 204 34.66 -17.19 -33.72
N ALA B 205 33.71 -16.92 -32.84
CA ALA B 205 33.28 -17.87 -31.83
C ALA B 205 31.77 -18.11 -31.93
N GLN B 206 31.33 -19.22 -31.33
CA GLN B 206 29.92 -19.57 -31.34
C GLN B 206 29.59 -20.32 -30.06
N TRP B 207 28.31 -20.31 -29.71
CA TRP B 207 27.85 -20.94 -28.47
C TRP B 207 26.37 -21.31 -28.62
N THR B 208 25.87 -22.04 -27.63
CA THR B 208 24.45 -22.34 -27.55
C THR B 208 23.82 -21.51 -26.44
N PRO B 209 22.80 -20.71 -26.74
CA PRO B 209 22.23 -19.84 -25.72
C PRO B 209 21.59 -20.66 -24.61
N PRO B 210 21.52 -20.12 -23.39
CA PRO B 210 20.84 -20.83 -22.30
C PRO B 210 19.33 -20.82 -22.51
N ASN B 211 18.66 -21.68 -21.73
CA ASN B 211 17.21 -21.85 -21.83
C ASN B 211 16.51 -20.81 -20.96
N VAL B 212 16.66 -19.55 -21.38
CA VAL B 212 16.03 -18.43 -20.70
C VAL B 212 16.08 -17.23 -21.63
N GLN B 213 14.97 -16.50 -21.71
CA GLN B 213 14.95 -15.28 -22.49
C GLN B 213 15.91 -14.26 -21.89
N LEU B 214 16.70 -13.63 -22.74
CA LEU B 214 17.75 -12.71 -22.31
C LEU B 214 17.45 -11.31 -22.84
N THR B 215 18.30 -10.36 -22.44
CA THR B 215 18.26 -9.01 -22.95
C THR B 215 19.52 -8.63 -23.71
N GLY B 216 20.46 -9.55 -23.88
CA GLY B 216 21.67 -9.28 -24.63
C GLY B 216 22.82 -10.12 -24.12
N TYR B 217 23.98 -9.90 -24.73
CA TYR B 217 25.22 -10.54 -24.32
C TYR B 217 26.30 -9.49 -24.16
N ARG B 218 27.32 -9.84 -23.37
CA ARG B 218 28.56 -9.07 -23.30
C ARG B 218 29.70 -10.02 -23.61
N VAL B 219 30.40 -9.74 -24.71
CA VAL B 219 31.54 -10.54 -25.15
C VAL B 219 32.81 -9.75 -24.88
N ARG B 220 33.78 -10.37 -24.21
CA ARG B 220 35.03 -9.72 -23.88
C ARG B 220 36.20 -10.54 -24.40
N VAL B 221 37.09 -9.90 -25.15
CA VAL B 221 38.31 -10.52 -25.66
C VAL B 221 39.50 -9.83 -25.00
N THR B 222 40.36 -10.64 -24.38
CA THR B 222 41.47 -10.10 -23.59
C THR B 222 42.76 -10.86 -23.87
N PRO B 223 43.89 -10.16 -23.97
CA PRO B 223 45.16 -10.86 -24.17
C PRO B 223 45.62 -11.54 -22.89
N LYS B 224 45.98 -12.82 -23.02
CA LYS B 224 46.28 -13.63 -21.84
C LYS B 224 47.63 -13.25 -21.23
N GLU B 225 48.70 -13.35 -22.03
CA GLU B 225 50.05 -13.14 -21.53
C GLU B 225 50.76 -12.03 -22.29
N LYS B 226 50.05 -10.95 -22.60
CA LYS B 226 50.63 -9.83 -23.33
C LYS B 226 49.82 -8.58 -23.02
N THR B 227 50.52 -7.44 -23.03
CA THR B 227 49.86 -6.15 -22.87
C THR B 227 49.30 -5.70 -24.21
N GLY B 228 48.04 -5.25 -24.21
CA GLY B 228 47.39 -4.80 -25.42
C GLY B 228 45.96 -4.37 -25.20
N PRO B 229 45.29 -3.97 -26.28
CA PRO B 229 43.90 -3.53 -26.16
C PRO B 229 42.97 -4.67 -25.82
N MET B 230 41.92 -4.35 -25.07
CA MET B 230 40.85 -5.28 -24.77
C MET B 230 39.58 -4.85 -25.49
N LYS B 231 38.77 -5.83 -25.87
CA LYS B 231 37.54 -5.57 -26.61
C LYS B 231 36.34 -6.02 -25.78
N GLU B 232 35.25 -5.27 -25.91
CA GLU B 232 34.00 -5.62 -25.25
C GLU B 232 32.86 -5.18 -26.16
N ILE B 233 32.04 -6.15 -26.58
CA ILE B 233 30.95 -5.89 -27.51
C ILE B 233 29.65 -6.42 -26.92
N ASN B 234 28.58 -5.65 -27.08
CA ASN B 234 27.24 -6.03 -26.64
C ASN B 234 26.40 -6.42 -27.84
N LEU B 235 25.77 -7.59 -27.77
CA LEU B 235 25.01 -8.14 -28.89
C LEU B 235 23.55 -8.32 -28.50
N ALA B 236 22.74 -8.63 -29.50
CA ALA B 236 21.32 -8.85 -29.31
C ALA B 236 21.07 -10.13 -28.51
N PRO B 237 19.95 -10.22 -27.81
CA PRO B 237 19.66 -11.43 -27.02
C PRO B 237 19.40 -12.66 -27.88
N ASP B 238 19.07 -12.50 -29.16
CA ASP B 238 18.85 -13.62 -30.07
C ASP B 238 20.11 -14.04 -30.80
N SER B 239 21.29 -13.69 -30.30
CA SER B 239 22.54 -13.98 -30.97
C SER B 239 23.15 -15.27 -30.43
N SER B 240 23.98 -15.91 -31.27
CA SER B 240 24.69 -17.11 -30.86
C SER B 240 26.08 -17.20 -31.48
N SER B 241 26.54 -16.16 -32.19
CA SER B 241 27.87 -16.14 -32.77
C SER B 241 28.38 -14.70 -32.78
N VAL B 242 29.70 -14.55 -32.77
CA VAL B 242 30.32 -13.23 -32.80
C VAL B 242 31.61 -13.30 -33.59
N VAL B 243 31.95 -12.20 -34.23
CA VAL B 243 33.19 -12.07 -35.02
C VAL B 243 33.91 -10.83 -34.52
N VAL B 244 35.01 -11.03 -33.79
CA VAL B 244 35.80 -9.95 -33.23
C VAL B 244 36.99 -9.73 -34.14
N SER B 245 37.05 -8.56 -34.78
CA SER B 245 38.10 -8.24 -35.74
C SER B 245 38.86 -7.01 -35.29
N GLY B 246 40.18 -7.12 -35.23
CA GLY B 246 41.03 -6.00 -34.86
C GLY B 246 42.04 -6.35 -33.78
N LEU B 247 42.41 -7.62 -33.70
CA LEU B 247 43.29 -8.10 -32.65
C LEU B 247 44.74 -8.12 -33.14
N MET B 248 45.64 -8.53 -32.25
CA MET B 248 47.06 -8.61 -32.56
C MET B 248 47.41 -9.98 -33.13
N VAL B 249 48.51 -10.02 -33.87
CA VAL B 249 48.96 -11.26 -34.50
C VAL B 249 49.65 -12.14 -33.48
N ALA B 250 49.45 -13.45 -33.61
CA ALA B 250 50.13 -14.45 -32.78
C ALA B 250 50.04 -14.13 -31.30
N THR B 251 48.80 -13.92 -30.83
CA THR B 251 48.55 -13.56 -29.45
C THR B 251 47.48 -14.49 -28.88
N LYS B 252 47.75 -15.05 -27.70
CA LYS B 252 46.77 -15.89 -27.02
C LYS B 252 45.70 -15.00 -26.40
N TYR B 253 44.44 -15.24 -26.78
CA TYR B 253 43.31 -14.44 -26.33
C TYR B 253 42.35 -15.30 -25.52
N GLU B 254 41.80 -14.70 -24.46
CA GLU B 254 40.73 -15.32 -23.68
C GLU B 254 39.41 -14.69 -24.07
N VAL B 255 38.45 -15.51 -24.46
CA VAL B 255 37.13 -15.05 -24.88
C VAL B 255 36.12 -15.44 -23.82
N SER B 256 35.40 -14.45 -23.30
CA SER B 256 34.37 -14.67 -22.28
C SER B 256 33.06 -14.10 -22.79
N VAL B 257 32.03 -14.94 -22.83
CA VAL B 257 30.69 -14.54 -23.25
C VAL B 257 29.76 -14.60 -22.05
N TYR B 258 29.04 -13.51 -21.82
CA TYR B 258 28.14 -13.38 -20.68
C TYR B 258 26.70 -13.32 -21.17
N ALA B 259 25.82 -14.09 -20.52
CA ALA B 259 24.39 -13.96 -20.73
C ALA B 259 23.86 -12.89 -19.78
N LEU B 260 23.09 -11.94 -20.32
CA LEU B 260 22.58 -10.82 -19.55
C LEU B 260 21.06 -10.80 -19.58
N LYS B 261 20.46 -10.54 -18.41
CA LYS B 261 19.02 -10.31 -18.27
C LYS B 261 18.84 -9.09 -17.37
N ASP B 262 19.02 -7.91 -17.96
CA ASP B 262 19.01 -6.64 -17.25
C ASP B 262 19.98 -6.67 -16.07
N THR B 263 19.45 -6.71 -14.84
CA THR B 263 20.32 -6.63 -13.67
C THR B 263 21.24 -7.84 -13.56
N LEU B 264 20.78 -9.01 -13.97
CA LEU B 264 21.49 -10.25 -13.73
C LEU B 264 22.46 -10.58 -14.86
N THR B 265 23.57 -11.21 -14.50
CA THR B 265 24.58 -11.65 -15.46
C THR B 265 25.04 -13.04 -15.07
N SER B 266 25.13 -13.92 -16.05
CA SER B 266 25.61 -15.27 -15.80
C SER B 266 27.13 -15.25 -15.56
N ARG B 267 27.63 -16.40 -15.11
CA ARG B 267 29.06 -16.62 -15.14
C ARG B 267 29.52 -16.74 -16.58
N PRO B 268 30.77 -16.39 -16.88
CA PRO B 268 31.22 -16.36 -18.27
C PRO B 268 31.53 -17.74 -18.81
N ALA B 269 31.08 -17.98 -20.04
CA ALA B 269 31.57 -19.10 -20.85
C ALA B 269 32.93 -18.69 -21.40
N GLN B 270 33.99 -19.38 -20.97
CA GLN B 270 35.36 -19.00 -21.27
C GLN B 270 36.00 -19.93 -22.28
N GLY B 271 36.95 -19.40 -23.03
CA GLY B 271 37.70 -20.17 -24.00
C GLY B 271 39.01 -19.50 -24.32
N VAL B 272 39.95 -20.28 -24.83
CA VAL B 272 41.28 -19.80 -25.16
C VAL B 272 41.61 -20.19 -26.60
N VAL B 273 42.25 -19.27 -27.32
CA VAL B 273 42.73 -19.53 -28.67
C VAL B 273 43.70 -18.43 -29.05
N THR B 274 44.56 -18.72 -30.03
CA THR B 274 45.62 -17.82 -30.46
C THR B 274 45.44 -17.44 -31.91
N THR B 275 45.65 -16.16 -32.22
CA THR B 275 45.59 -15.71 -33.60
C THR B 275 46.79 -16.23 -34.39
N LEU B 276 46.62 -16.29 -35.71
CA LEU B 276 47.68 -16.78 -36.56
C LEU B 276 48.82 -15.76 -36.66
N GLU B 277 50.03 -16.27 -36.85
CA GLU B 277 51.21 -15.41 -36.97
C GLU B 277 51.31 -14.83 -38.37
C1 GOL C . 19.32 -13.20 -38.42
O1 GOL C . 19.47 -14.44 -39.06
C2 GOL C . 18.98 -13.42 -36.95
O2 GOL C . 19.15 -12.23 -36.23
C3 GOL C . 19.89 -14.51 -36.39
O3 GOL C . 20.90 -13.91 -35.61
#